data_7PUZ
#
_entry.id   7PUZ
#
_cell.length_a   54.194
_cell.length_b   54.194
_cell.length_c   134.042
_cell.angle_alpha   90.000
_cell.angle_beta   90.000
_cell.angle_gamma   90.000
#
_symmetry.space_group_name_H-M   'P 4 21 2'
#
_entity_poly.entity_id   1
_entity_poly.type   'polypeptide(L)'
_entity_poly.pdbx_seq_one_letter_code
;MNEDIRTNVAESVAVQYGQASKDLHESFEIRAKSREVELTQQFLNEFNAFKAQLEKHSSEELASALKANEQALLAKQSNE
VALLSMKQVEEFTKILSEKLDQERQGRLSKLEALNGSVQELAEAVDQVDTLVMKSEVLSQLSLLTTLLKNKLHAGDESSV
KIDSELARLKTLCDILPLE
;
_entity_poly.pdbx_strand_id   A
#
# COMPACT_ATOMS: atom_id res chain seq x y z
N ILE A 30 -47.45 56.86 50.69
CA ILE A 30 -48.06 57.42 49.49
C ILE A 30 -47.04 57.53 48.36
N ARG A 31 -46.25 58.60 48.38
CA ARG A 31 -45.17 58.76 47.41
C ARG A 31 -43.98 57.87 47.74
N ALA A 32 -43.77 57.56 49.02
CA ALA A 32 -42.75 56.58 49.39
C ALA A 32 -43.09 55.22 48.80
N LYS A 33 -44.37 54.82 48.84
CA LYS A 33 -44.78 53.55 48.26
C LYS A 33 -44.68 53.58 46.73
N SER A 34 -45.01 54.71 46.11
CA SER A 34 -44.86 54.83 44.67
C SER A 34 -43.42 54.68 44.25
N ARG A 35 -42.51 55.31 45.00
CA ARG A 35 -41.08 55.17 44.71
C ARG A 35 -40.60 53.74 44.96
N GLU A 36 -41.12 53.09 46.01
CA GLU A 36 -40.77 51.70 46.26
C GLU A 36 -41.19 50.82 45.09
N VAL A 37 -42.40 51.04 44.56
CA VAL A 37 -42.87 50.24 43.43
C VAL A 37 -42.01 50.50 42.20
N GLU A 38 -41.69 51.76 41.92
CA GLU A 38 -40.86 52.08 40.77
C GLU A 38 -39.49 51.40 40.88
N LEU A 39 -38.86 51.48 42.05
CA LEU A 39 -37.55 50.89 42.24
C LEU A 39 -37.61 49.36 42.19
N THR A 40 -38.68 48.76 42.75
CA THR A 40 -38.83 47.31 42.66
C THR A 40 -38.97 46.87 41.22
N GLN A 41 -39.70 47.63 40.41
CA GLN A 41 -39.83 47.33 38.99
C GLN A 41 -38.48 47.40 38.29
N GLN A 42 -37.73 48.47 38.54
CA GLN A 42 -36.41 48.59 37.94
C GLN A 42 -35.50 47.44 38.33
N PHE A 43 -35.52 47.05 39.62
CA PHE A 43 -34.67 45.95 40.06
C PHE A 43 -35.13 44.64 39.44
N LEU A 44 -36.43 44.43 39.29
CA LEU A 44 -36.92 43.22 38.64
C LEU A 44 -36.37 43.11 37.23
N ASN A 45 -36.50 44.19 36.45
CA ASN A 45 -36.03 44.14 35.07
C ASN A 45 -34.52 43.97 35.00
N GLU A 46 -33.76 44.71 35.81
CA GLU A 46 -32.31 44.57 35.79
C GLU A 46 -31.88 43.17 36.24
N PHE A 47 -32.58 42.58 37.20
CA PHE A 47 -32.19 41.26 37.67
C PHE A 47 -32.47 40.21 36.61
N ASN A 48 -33.61 40.30 35.93
CA ASN A 48 -33.88 39.31 34.89
C ASN A 48 -32.94 39.49 33.70
N ALA A 49 -32.53 40.72 33.42
CA ALA A 49 -31.53 40.93 32.37
C ALA A 49 -30.20 40.29 32.76
N PHE A 50 -29.73 40.56 33.98
CA PHE A 50 -28.49 39.94 34.46
C PHE A 50 -28.61 38.43 34.46
N LYS A 51 -29.78 37.90 34.82
CA LYS A 51 -29.98 36.46 34.89
C LYS A 51 -29.88 35.82 33.52
N ALA A 52 -30.62 36.37 32.54
CA ALA A 52 -30.53 35.84 31.18
C ALA A 52 -29.12 35.97 30.63
N GLN A 53 -28.42 37.06 30.95
CA GLN A 53 -27.07 37.24 30.46
C GLN A 53 -26.13 36.17 31.01
N LEU A 54 -26.17 35.96 32.32
CA LEU A 54 -25.30 34.97 32.95
C LEU A 54 -25.62 33.57 32.43
N GLU A 55 -26.90 33.24 32.33
CA GLU A 55 -27.28 31.92 31.85
C GLU A 55 -26.85 31.70 30.40
N LYS A 56 -27.00 32.72 29.55
CA LYS A 56 -26.60 32.58 28.16
C LYS A 56 -25.09 32.39 28.03
N HIS A 57 -24.31 33.15 28.79
CA HIS A 57 -22.86 32.99 28.67
C HIS A 57 -22.39 31.65 29.20
N SER A 58 -22.98 31.18 30.31
CA SER A 58 -22.64 29.86 30.82
C SER A 58 -22.98 28.78 29.80
N SER A 59 -24.19 28.86 29.22
CA SER A 59 -24.60 27.88 28.22
C SER A 59 -23.69 27.91 27.00
N GLU A 60 -23.27 29.09 26.58
CA GLU A 60 -22.43 29.20 25.39
C GLU A 60 -21.04 28.61 25.63
N GLU A 61 -20.42 28.92 26.77
CA GLU A 61 -19.10 28.38 27.03
C GLU A 61 -19.16 26.86 27.22
N LEU A 62 -20.20 26.37 27.89
CA LEU A 62 -20.35 24.92 28.03
C LEU A 62 -20.59 24.27 26.68
N ALA A 63 -21.31 24.95 25.78
CA ALA A 63 -21.52 24.41 24.44
C ALA A 63 -20.20 24.33 23.68
N SER A 64 -19.37 25.35 23.79
CA SER A 64 -18.05 25.30 23.14
C SER A 64 -17.24 24.12 23.65
N ALA A 65 -17.20 23.94 24.97
CA ALA A 65 -16.45 22.82 25.55
C ALA A 65 -17.02 21.48 25.07
N LEU A 66 -18.34 21.33 25.11
CA LEU A 66 -18.96 20.07 24.73
C LEU A 66 -18.78 19.77 23.25
N LYS A 67 -18.80 20.80 22.40
CA LYS A 67 -18.63 20.59 20.97
C LYS A 67 -17.20 20.18 20.65
N ALA A 68 -16.22 20.86 21.26
CA ALA A 68 -14.84 20.42 21.09
C ALA A 68 -14.64 19.01 21.61
N ASN A 69 -15.35 18.64 22.68
CA ASN A 69 -15.21 17.28 23.22
C ASN A 69 -15.81 16.26 22.28
N GLU A 70 -16.98 16.56 21.69
CA GLU A 70 -17.58 15.62 20.75
C GLU A 70 -16.71 15.47 19.50
N GLN A 71 -16.07 16.55 19.07
CA GLN A 71 -15.19 16.45 17.91
C GLN A 71 -13.94 15.64 18.22
N ALA A 72 -13.37 15.85 19.41
CA ALA A 72 -12.21 15.03 19.81
C ALA A 72 -12.58 13.56 19.91
N LEU A 73 -13.79 13.27 20.42
CA LEU A 73 -14.23 11.88 20.51
C LEU A 73 -14.41 11.26 19.13
N LEU A 74 -15.02 12.02 18.21
CA LEU A 74 -15.16 11.53 16.84
C LEU A 74 -13.80 11.29 16.21
N ALA A 75 -12.84 12.17 16.46
CA ALA A 75 -11.50 11.99 15.90
C ALA A 75 -10.81 10.75 16.47
N LYS A 76 -10.97 10.51 17.77
CA LYS A 76 -10.39 9.32 18.38
C LYS A 76 -11.01 8.04 17.81
N GLN A 77 -12.33 8.03 17.65
CA GLN A 77 -12.98 6.85 17.09
C GLN A 77 -12.59 6.65 15.62
N SER A 78 -12.41 7.74 14.88
CA SER A 78 -11.92 7.64 13.52
C SER A 78 -10.53 7.03 13.49
N ASN A 79 -9.65 7.47 14.41
CA ASN A 79 -8.31 6.90 14.48
C ASN A 79 -8.36 5.41 14.79
N GLU A 80 -9.26 5.00 15.68
CA GLU A 80 -9.37 3.57 16.01
C GLU A 80 -9.81 2.75 14.81
N VAL A 81 -10.85 3.22 14.11
CA VAL A 81 -11.32 2.52 12.92
C VAL A 81 -10.22 2.44 11.87
N ALA A 82 -9.50 3.55 11.66
CA ALA A 82 -8.42 3.55 10.68
C ALA A 82 -7.29 2.61 11.11
N LEU A 83 -7.01 2.52 12.41
CA LEU A 83 -5.97 1.62 12.89
C LEU A 83 -6.34 0.16 12.65
N LEU A 84 -7.61 -0.18 12.84
CA LEU A 84 -8.06 -1.55 12.54
C LEU A 84 -7.92 -1.84 11.05
N SER A 85 -8.50 -0.99 10.21
CA SER A 85 -8.38 -1.18 8.76
C SER A 85 -6.93 -1.19 8.32
N MET A 86 -6.05 -0.51 9.06
CA MET A 86 -4.65 -0.45 8.67
C MET A 86 -3.88 -1.67 9.11
N LYS A 87 -4.22 -2.28 10.25
CA LYS A 87 -3.71 -3.61 10.53
C LYS A 87 -4.08 -4.58 9.40
N GLN A 88 -5.33 -4.50 8.93
CA GLN A 88 -5.76 -5.36 7.83
C GLN A 88 -4.92 -5.13 6.58
N VAL A 89 -4.86 -3.88 6.12
CA VAL A 89 -4.13 -3.57 4.90
C VAL A 89 -2.64 -3.85 5.06
N GLU A 90 -2.11 -3.67 6.26
CA GLU A 90 -0.70 -3.99 6.51
C GLU A 90 -0.43 -5.47 6.32
N GLU A 91 -1.31 -6.33 6.87
CA GLU A 91 -1.15 -7.77 6.65
C GLU A 91 -1.23 -8.11 5.17
N PHE A 92 -2.20 -7.55 4.46
CA PHE A 92 -2.32 -7.84 3.03
C PHE A 92 -1.06 -7.45 2.28
N THR A 93 -0.65 -6.19 2.43
CA THR A 93 0.50 -5.69 1.68
C THR A 93 1.77 -6.45 2.05
N LYS A 94 1.87 -6.89 3.31
CA LYS A 94 3.05 -7.64 3.75
C LYS A 94 3.11 -9.01 3.10
N ILE A 95 2.00 -9.76 3.13
CA ILE A 95 2.08 -11.09 2.54
C ILE A 95 2.24 -11.00 1.03
N LEU A 96 1.70 -9.95 0.39
CA LEU A 96 1.93 -9.78 -1.04
C LEU A 96 3.41 -9.51 -1.34
N SER A 97 4.03 -8.61 -0.58
CA SER A 97 5.43 -8.30 -0.81
C SER A 97 6.31 -9.52 -0.56
N GLU A 98 6.00 -10.30 0.48
CA GLU A 98 6.78 -11.51 0.75
C GLU A 98 6.62 -12.54 -0.35
N LYS A 99 5.40 -12.69 -0.88
CA LYS A 99 5.14 -13.59 -1.99
C LYS A 99 5.97 -13.19 -3.22
N LEU A 100 5.94 -11.90 -3.57
CA LEU A 100 6.70 -11.43 -4.72
C LEU A 100 8.20 -11.61 -4.50
N ASP A 101 8.69 -11.32 -3.29
CA ASP A 101 10.11 -11.50 -3.01
C ASP A 101 10.52 -12.96 -3.16
N GLN A 102 9.71 -13.88 -2.62
CA GLN A 102 9.99 -15.30 -2.76
C GLN A 102 10.10 -15.71 -4.22
N GLU A 103 9.04 -15.43 -5.00
CA GLU A 103 9.05 -15.87 -6.39
C GLU A 103 10.13 -15.18 -7.20
N ARG A 104 10.45 -13.92 -6.87
CA ARG A 104 11.49 -13.21 -7.59
C ARG A 104 12.86 -13.81 -7.32
N GLN A 105 13.16 -14.12 -6.06
CA GLN A 105 14.44 -14.77 -5.75
C GLN A 105 14.53 -16.13 -6.44
N GLY A 106 13.43 -16.88 -6.47
CA GLY A 106 13.46 -18.17 -7.14
C GLY A 106 13.76 -18.06 -8.62
N ARG A 107 13.04 -17.17 -9.31
CA ARG A 107 13.26 -17.04 -10.75
C ARG A 107 14.60 -16.39 -11.04
N LEU A 108 15.14 -15.57 -10.12
CA LEU A 108 16.49 -15.06 -10.28
C LEU A 108 17.52 -16.18 -10.16
N SER A 109 17.30 -17.12 -9.25
CA SER A 109 18.19 -18.26 -9.12
C SER A 109 18.19 -19.10 -10.39
N LYS A 110 17.00 -19.37 -10.93
CA LYS A 110 16.92 -20.10 -12.19
C LYS A 110 17.61 -19.34 -13.32
N LEU A 111 17.42 -18.01 -13.37
CA LEU A 111 18.07 -17.20 -14.39
C LEU A 111 19.58 -17.28 -14.29
N GLU A 112 20.12 -17.30 -13.07
CA GLU A 112 21.56 -17.34 -12.91
C GLU A 112 22.13 -18.70 -13.31
N ALA A 113 21.43 -19.79 -12.98
CA ALA A 113 21.86 -21.09 -13.47
C ALA A 113 21.86 -21.12 -15.00
N LEU A 114 20.78 -20.60 -15.61
CA LEU A 114 20.70 -20.55 -17.07
C LEU A 114 21.86 -19.74 -17.65
N ASN A 115 22.11 -18.56 -17.10
CA ASN A 115 23.19 -17.71 -17.60
C ASN A 115 24.54 -18.40 -17.46
N GLY A 116 24.76 -19.09 -16.34
CA GLY A 116 25.99 -19.84 -16.18
C GLY A 116 26.21 -20.84 -17.29
N SER A 117 25.21 -21.68 -17.55
CA SER A 117 25.41 -22.69 -18.59
C SER A 117 25.50 -22.08 -19.98
N VAL A 118 24.77 -20.98 -20.22
CA VAL A 118 24.83 -20.33 -21.53
C VAL A 118 26.21 -19.75 -21.78
N GLN A 119 26.77 -19.06 -20.78
CA GLN A 119 28.13 -18.55 -20.90
C GLN A 119 29.12 -19.68 -21.11
N GLU A 120 28.94 -20.79 -20.40
CA GLU A 120 29.82 -21.94 -20.56
C GLU A 120 29.81 -22.44 -22.00
N LEU A 121 28.62 -22.61 -22.56
CA LEU A 121 28.52 -23.13 -23.93
C LEU A 121 29.08 -22.16 -24.95
N ALA A 122 28.78 -20.86 -24.79
CA ALA A 122 29.29 -19.87 -25.73
C ALA A 122 30.81 -19.82 -25.68
N GLU A 123 31.39 -19.93 -24.49
CA GLU A 123 32.84 -19.99 -24.38
C GLU A 123 33.39 -21.24 -25.05
N ALA A 124 32.68 -22.36 -24.94
CA ALA A 124 33.13 -23.57 -25.61
C ALA A 124 33.13 -23.37 -27.13
N VAL A 125 32.11 -22.68 -27.64
CA VAL A 125 32.08 -22.36 -29.07
C VAL A 125 33.26 -21.48 -29.44
N ASP A 126 33.56 -20.48 -28.61
CA ASP A 126 34.62 -19.53 -28.94
C ASP A 126 36.01 -20.17 -28.81
N GLN A 127 36.16 -21.19 -27.97
CA GLN A 127 37.44 -21.82 -27.68
C GLN A 127 37.80 -22.90 -28.69
N VAL A 128 36.86 -23.81 -28.96
CA VAL A 128 37.10 -24.92 -29.86
C VAL A 128 36.90 -24.45 -31.29
N ASP A 129 37.71 -24.99 -32.21
CA ASP A 129 37.60 -24.68 -33.62
C ASP A 129 36.64 -25.60 -34.37
N THR A 130 36.06 -26.59 -33.70
CA THR A 130 35.10 -27.50 -34.31
C THR A 130 33.73 -27.31 -33.67
N LEU A 131 32.73 -27.96 -34.28
CA LEU A 131 31.35 -27.83 -33.82
C LEU A 131 31.22 -28.24 -32.37
N VAL A 132 30.29 -27.57 -31.67
CA VAL A 132 30.13 -27.76 -30.23
C VAL A 132 28.67 -28.08 -29.90
N MET A 133 27.74 -27.49 -30.64
CA MET A 133 26.32 -27.61 -30.31
C MET A 133 25.51 -28.02 -31.53
N LYS A 134 24.39 -28.67 -31.27
CA LYS A 134 23.41 -29.01 -32.31
C LYS A 134 22.74 -27.74 -32.81
N SER A 135 22.89 -27.44 -34.10
CA SER A 135 22.39 -26.17 -34.63
C SER A 135 20.87 -26.10 -34.59
N GLU A 136 20.19 -27.25 -34.73
CA GLU A 136 18.73 -27.26 -34.61
C GLU A 136 18.29 -26.82 -33.23
N VAL A 137 18.85 -27.44 -32.19
CA VAL A 137 18.53 -27.07 -30.82
C VAL A 137 18.92 -25.63 -30.54
N LEU A 138 20.04 -25.17 -31.11
CA LEU A 138 20.48 -23.80 -30.88
C LEU A 138 19.50 -22.80 -31.47
N SER A 139 19.05 -23.04 -32.71
CA SER A 139 18.08 -22.15 -33.35
C SER A 139 16.76 -22.17 -32.59
N GLN A 140 16.31 -23.35 -32.15
CA GLN A 140 15.07 -23.44 -31.41
C GLN A 140 15.16 -22.66 -30.09
N LEU A 141 16.24 -22.85 -29.35
CA LEU A 141 16.44 -22.13 -28.10
C LEU A 141 16.53 -20.62 -28.32
N SER A 142 17.21 -20.19 -29.40
CA SER A 142 17.32 -18.76 -29.70
C SER A 142 15.95 -18.16 -29.97
N LEU A 143 15.17 -18.80 -30.85
CA LEU A 143 13.84 -18.29 -31.15
C LEU A 143 12.93 -18.31 -29.92
N LEU A 144 13.10 -19.31 -29.06
CA LEU A 144 12.31 -19.34 -27.83
C LEU A 144 12.68 -18.18 -26.92
N THR A 145 13.97 -17.89 -26.79
CA THR A 145 14.38 -16.73 -26.01
C THR A 145 13.78 -15.45 -26.57
N THR A 146 13.74 -15.34 -27.90
CA THR A 146 13.18 -14.14 -28.51
C THR A 146 11.69 -14.02 -28.20
N LEU A 147 10.94 -15.11 -28.42
CA LEU A 147 9.52 -15.14 -28.07
C LEU A 147 9.30 -14.72 -26.62
N LEU A 148 10.11 -15.26 -25.71
CA LEU A 148 9.93 -14.97 -24.28
C LEU A 148 10.23 -13.50 -23.99
N LYS A 149 11.34 -12.98 -24.51
CA LYS A 149 11.67 -11.58 -24.27
C LYS A 149 10.61 -10.65 -24.82
N ASN A 150 9.97 -11.02 -25.93
CA ASN A 150 8.96 -10.15 -26.53
C ASN A 150 7.58 -10.33 -25.92
N LYS A 151 7.33 -11.42 -25.20
CA LYS A 151 6.12 -11.50 -24.40
C LYS A 151 6.21 -10.65 -23.14
N LEU A 152 7.43 -10.28 -22.73
CA LEU A 152 7.67 -9.54 -21.50
C LEU A 152 7.49 -8.03 -21.67
N HIS A 153 6.92 -7.58 -22.77
CA HIS A 153 6.62 -6.17 -22.98
C HIS A 153 5.15 -5.96 -22.67
N ALA A 154 4.86 -5.47 -21.46
CA ALA A 154 3.51 -5.40 -20.91
C ALA A 154 2.85 -6.78 -20.90
N GLU A 157 0.96 -7.83 -18.49
CA GLU A 157 1.07 -9.12 -17.80
C GLU A 157 2.29 -9.14 -16.89
N SER A 158 2.37 -10.15 -16.02
CA SER A 158 3.35 -10.18 -14.96
C SER A 158 4.62 -10.93 -15.40
N SER A 159 5.59 -10.99 -14.49
CA SER A 159 6.82 -11.75 -14.71
C SER A 159 6.71 -13.19 -14.28
N VAL A 160 5.70 -13.53 -13.45
CA VAL A 160 5.52 -14.89 -12.99
C VAL A 160 4.86 -15.77 -14.05
N LYS A 161 4.18 -15.16 -15.03
CA LYS A 161 3.66 -15.92 -16.16
C LYS A 161 4.77 -16.49 -17.05
N ILE A 162 6.01 -16.09 -16.82
CA ILE A 162 7.14 -16.59 -17.59
C ILE A 162 7.84 -17.76 -16.91
N ASP A 163 7.67 -17.91 -15.58
CA ASP A 163 8.44 -18.87 -14.80
C ASP A 163 8.37 -20.28 -15.40
N SER A 164 7.21 -20.66 -15.92
CA SER A 164 7.07 -22.02 -16.45
C SER A 164 7.98 -22.25 -17.65
N GLU A 165 8.12 -21.24 -18.52
CA GLU A 165 8.96 -21.39 -19.71
C GLU A 165 10.42 -21.57 -19.34
N LEU A 166 10.86 -21.01 -18.21
CA LEU A 166 12.24 -21.17 -17.77
C LEU A 166 12.65 -22.63 -17.63
N ALA A 167 11.70 -23.54 -17.48
CA ALA A 167 12.02 -24.97 -17.53
C ALA A 167 12.51 -25.37 -18.91
N ARG A 168 11.72 -25.10 -19.94
CA ARG A 168 12.09 -25.49 -21.31
C ARG A 168 13.49 -25.00 -21.66
N LEU A 169 13.74 -23.70 -21.48
CA LEU A 169 15.08 -23.14 -21.67
C LEU A 169 16.14 -24.03 -21.05
N LYS A 170 16.00 -24.31 -19.74
CA LYS A 170 16.94 -25.19 -19.06
C LYS A 170 17.11 -26.49 -19.81
N THR A 171 15.98 -27.18 -20.09
CA THR A 171 16.03 -28.42 -20.86
C THR A 171 16.85 -28.24 -22.12
N LEU A 172 16.56 -27.19 -22.90
CA LEU A 172 17.25 -27.00 -24.17
C LEU A 172 18.72 -26.67 -23.96
N CYS A 173 19.07 -25.98 -22.87
CA CYS A 173 20.47 -25.74 -22.60
C CYS A 173 21.19 -27.02 -22.21
N ASP A 174 20.47 -28.04 -21.75
CA ASP A 174 21.11 -29.27 -21.33
C ASP A 174 21.34 -30.23 -22.49
N ILE A 175 20.51 -30.15 -23.53
CA ILE A 175 20.68 -30.98 -24.72
C ILE A 175 21.25 -30.20 -25.88
N LEU A 176 21.75 -28.99 -25.63
CA LEU A 176 22.32 -28.14 -26.68
C LEU A 176 23.68 -28.65 -27.15
N PRO A 177 24.61 -29.03 -26.26
CA PRO A 177 25.93 -29.48 -26.76
C PRO A 177 25.85 -30.83 -27.43
N LEU A 178 26.79 -31.06 -28.35
CA LEU A 178 26.87 -32.32 -29.08
C LEU A 178 27.22 -33.46 -28.13
N GLU A 179 26.19 -34.09 -27.56
CA GLU A 179 26.34 -35.21 -26.64
C GLU A 179 24.96 -35.76 -26.29
#